data_2LX5
#
_entry.id   2LX5
#
_entity_poly.entity_id   1
_entity_poly.type   'polypeptide(L)'
_entity_poly.pdbx_seq_one_letter_code
;DPRIAARGRARLRAVGAI
;
_entity_poly.pdbx_strand_id   A
#
# COMPACT_ATOMS: atom_id res chain seq x y z
N ASP A 1 13.23 0.83 3.15
CA ASP A 1 13.56 1.58 1.94
C ASP A 1 12.33 2.29 1.40
N PRO A 2 12.56 3.30 0.55
CA PRO A 2 11.48 4.09 -0.06
C PRO A 2 10.69 3.29 -1.09
N ARG A 3 11.32 2.24 -1.62
CA ARG A 3 10.68 1.39 -2.61
C ARG A 3 9.93 0.25 -1.95
N ILE A 4 10.05 0.15 -0.63
CA ILE A 4 9.39 -0.90 0.13
C ILE A 4 8.11 -0.39 0.77
N ALA A 5 8.06 0.91 1.03
CA ALA A 5 6.89 1.53 1.65
C ALA A 5 5.82 1.84 0.61
N ALA A 6 6.25 2.13 -0.62
CA ALA A 6 5.33 2.44 -1.70
C ALA A 6 4.34 1.30 -1.93
N ARG A 7 4.73 0.09 -1.53
CA ARG A 7 3.89 -1.08 -1.69
C ARG A 7 3.10 -1.36 -0.41
N GLY A 8 3.63 -0.90 0.71
CA GLY A 8 2.96 -1.11 1.98
C GLY A 8 1.68 -0.31 2.10
N ARG A 9 1.64 0.84 1.46
CA ARG A 9 0.47 1.71 1.49
C ARG A 9 -0.65 1.13 0.63
N ALA A 10 -0.28 0.40 -0.41
CA ALA A 10 -1.25 -0.22 -1.31
C ALA A 10 -2.20 -1.14 -0.55
N ARG A 11 -1.71 -1.71 0.53
CA ARG A 11 -2.51 -2.62 1.35
C ARG A 11 -3.85 -1.99 1.72
N LEU A 12 -3.79 -1.00 2.60
CA LEU A 12 -5.00 -0.29 3.04
C LEU A 12 -5.76 0.28 1.86
N ARG A 13 -5.03 0.70 0.84
CA ARG A 13 -5.63 1.27 -0.36
C ARG A 13 -6.59 0.28 -1.00
N ALA A 14 -6.10 -0.90 -1.34
CA ALA A 14 -6.91 -1.94 -1.96
C ALA A 14 -8.11 -2.29 -1.08
N VAL A 15 -7.85 -2.45 0.22
CA VAL A 15 -8.90 -2.80 1.17
C VAL A 15 -9.97 -1.71 1.22
N GLY A 16 -9.54 -0.46 1.17
CA GLY A 16 -10.47 0.65 1.21
C GLY A 16 -11.54 0.56 0.15
N ALA A 17 -11.14 0.15 -1.05
CA ALA A 17 -12.07 0.01 -2.17
C ALA A 17 -13.26 -0.86 -1.78
N ILE A 18 -12.99 -2.12 -1.45
CA ILE A 18 -14.04 -3.05 -1.06
C ILE A 18 -14.21 -3.08 0.45
N ASP A 1 12.56 1.69 3.62
CA ASP A 1 13.04 2.10 2.31
C ASP A 1 11.91 2.73 1.50
N PRO A 2 12.29 3.51 0.46
CA PRO A 2 11.32 4.18 -0.41
C PRO A 2 10.55 3.20 -1.29
N ARG A 3 11.19 2.09 -1.64
CA ARG A 3 10.57 1.07 -2.48
C ARG A 3 9.84 0.04 -1.63
N ILE A 4 9.95 0.17 -0.32
CA ILE A 4 9.31 -0.74 0.61
C ILE A 4 8.02 -0.15 1.16
N ALA A 5 7.94 1.17 1.19
CA ALA A 5 6.76 1.86 1.69
C ALA A 5 5.69 1.97 0.61
N ALA A 6 6.14 2.06 -0.65
CA ALA A 6 5.21 2.18 -1.77
C ALA A 6 4.24 1.00 -1.81
N ARG A 7 4.66 -0.12 -1.21
CA ARG A 7 3.82 -1.32 -1.17
C ARG A 7 3.03 -1.39 0.13
N GLY A 8 3.54 -0.74 1.17
CA GLY A 8 2.88 -0.74 2.45
C GLY A 8 1.58 0.04 2.43
N ARG A 9 1.52 1.07 1.59
CA ARG A 9 0.33 1.90 1.48
C ARG A 9 -0.66 1.30 0.48
N ALA A 10 -0.13 0.70 -0.58
CA ALA A 10 -0.97 0.09 -1.60
C ALA A 10 -1.89 -0.96 -1.00
N ARG A 11 -1.38 -1.71 -0.03
CA ARG A 11 -2.17 -2.74 0.64
C ARG A 11 -3.51 -2.19 1.12
N LEU A 12 -3.46 -1.37 2.15
CA LEU A 12 -4.67 -0.76 2.71
C LEU A 12 -5.48 -0.06 1.63
N ARG A 13 -4.79 0.42 0.60
CA ARG A 13 -5.44 1.12 -0.50
C ARG A 13 -6.49 0.22 -1.16
N ALA A 14 -6.05 -0.96 -1.59
CA ALA A 14 -6.95 -1.91 -2.25
C ALA A 14 -8.02 -2.40 -1.27
N VAL A 15 -7.63 -2.62 -0.02
CA VAL A 15 -8.57 -3.09 0.99
C VAL A 15 -9.62 -2.04 1.30
N GLY A 16 -9.26 -0.77 1.09
CA GLY A 16 -10.19 0.31 1.35
C GLY A 16 -11.22 0.47 0.26
N ALA A 17 -10.92 -0.06 -0.92
CA ALA A 17 -11.83 0.03 -2.05
C ALA A 17 -12.99 -0.96 -1.91
N ILE A 18 -12.73 -2.05 -1.18
CA ILE A 18 -13.76 -3.07 -0.97
C ILE A 18 -14.88 -2.54 -0.11
N ASP A 1 12.79 1.59 3.01
CA ASP A 1 13.18 2.08 1.68
C ASP A 1 11.99 2.71 0.97
N PRO A 2 12.29 3.54 -0.04
CA PRO A 2 11.25 4.22 -0.83
C PRO A 2 10.47 3.26 -1.71
N ARG A 3 11.12 2.17 -2.11
CA ARG A 3 10.47 1.17 -2.97
C ARG A 3 9.80 0.09 -2.12
N ILE A 4 9.96 0.19 -0.81
CA ILE A 4 9.36 -0.77 0.10
C ILE A 4 8.09 -0.22 0.73
N ALA A 5 7.99 1.11 0.80
CA ALA A 5 6.82 1.76 1.37
C ALA A 5 5.72 1.88 0.33
N ALA A 6 6.10 2.03 -0.93
CA ALA A 6 5.13 2.15 -2.01
C ALA A 6 4.18 0.96 -2.04
N ARG A 7 4.64 -0.17 -1.51
CA ARG A 7 3.82 -1.37 -1.48
C ARG A 7 3.09 -1.51 -0.15
N GLY A 8 3.63 -0.88 0.88
CA GLY A 8 3.02 -0.94 2.20
C GLY A 8 1.71 -0.18 2.26
N ARG A 9 1.59 0.87 1.45
CA ARG A 9 0.39 1.69 1.41
C ARG A 9 -0.70 1.02 0.59
N ALA A 10 -0.28 0.28 -0.44
CA ALA A 10 -1.21 -0.41 -1.32
C ALA A 10 -2.15 -1.32 -0.51
N ARG A 11 -1.65 -1.84 0.60
CA ARG A 11 -2.43 -2.71 1.45
C ARG A 11 -3.77 -2.08 1.80
N LEU A 12 -3.73 -1.04 2.65
CA LEU A 12 -4.93 -0.34 3.06
C LEU A 12 -5.68 0.24 1.86
N ARG A 13 -4.92 0.65 0.85
CA ARG A 13 -5.50 1.22 -0.35
C ARG A 13 -6.46 0.24 -1.02
N ALA A 14 -6.04 -1.02 -1.10
CA ALA A 14 -6.87 -2.06 -1.71
C ALA A 14 -7.94 -2.55 -0.74
N VAL A 15 -7.54 -2.79 0.51
CA VAL A 15 -8.46 -3.25 1.54
C VAL A 15 -9.61 -2.28 1.72
N GLY A 16 -9.38 -1.01 1.39
CA GLY A 16 -10.41 0.00 1.52
C GLY A 16 -11.35 0.03 0.33
N ALA A 17 -10.78 0.01 -0.87
CA ALA A 17 -11.59 0.04 -2.09
C ALA A 17 -12.64 -1.07 -2.07
N ILE A 18 -12.18 -2.31 -2.11
CA ILE A 18 -13.08 -3.45 -2.11
C ILE A 18 -13.32 -3.96 -0.68
N ASP A 1 13.31 1.34 3.21
CA ASP A 1 13.57 1.94 1.90
C ASP A 1 12.29 2.53 1.31
N PRO A 2 12.46 3.44 0.34
CA PRO A 2 11.33 4.10 -0.33
C PRO A 2 10.54 3.14 -1.22
N ARG A 3 11.17 2.04 -1.59
CA ARG A 3 10.53 1.04 -2.44
C ARG A 3 9.80 0.00 -1.60
N ILE A 4 9.94 0.11 -0.29
CA ILE A 4 9.30 -0.84 0.63
C ILE A 4 8.03 -0.25 1.21
N ALA A 5 7.96 1.08 1.26
CA ALA A 5 6.79 1.77 1.80
C ALA A 5 5.71 1.91 0.74
N ALA A 6 6.12 2.03 -0.51
CA ALA A 6 5.19 2.16 -1.63
C ALA A 6 4.21 0.99 -1.67
N ARG A 7 4.62 -0.14 -1.11
CA ARG A 7 3.78 -1.33 -1.07
C ARG A 7 3.01 -1.43 0.24
N GLY A 8 3.55 -0.80 1.28
CA GLY A 8 2.90 -0.83 2.58
C GLY A 8 1.61 -0.03 2.59
N ARG A 9 1.54 1.00 1.77
CA ARG A 9 0.35 1.85 1.70
C ARG A 9 -0.69 1.22 0.79
N ALA A 10 -0.24 0.57 -0.27
CA ALA A 10 -1.15 -0.07 -1.21
C ALA A 10 -2.08 -1.04 -0.50
N ARG A 11 -1.59 -1.66 0.56
CA ARG A 11 -2.38 -2.62 1.33
C ARG A 11 -3.72 -2.02 1.73
N LEU A 12 -3.68 -1.07 2.66
CA LEU A 12 -4.90 -0.41 3.12
C LEU A 12 -5.65 0.24 1.97
N ARG A 13 -4.90 0.68 0.96
CA ARG A 13 -5.51 1.31 -0.21
C ARG A 13 -6.50 0.38 -0.89
N ALA A 14 -6.04 -0.82 -1.24
CA ALA A 14 -6.89 -1.81 -1.89
C ALA A 14 -7.97 -2.32 -0.94
N VAL A 15 -7.60 -2.51 0.33
CA VAL A 15 -8.53 -3.00 1.33
C VAL A 15 -9.67 -2.01 1.55
N GLY A 16 -9.38 -0.73 1.33
CA GLY A 16 -10.39 0.30 1.52
C GLY A 16 -11.49 0.21 0.47
N ALA A 17 -11.13 -0.21 -0.74
CA ALA A 17 -12.10 -0.33 -1.82
C ALA A 17 -12.91 -1.62 -1.68
N ILE A 18 -12.26 -2.75 -1.89
CA ILE A 18 -12.92 -4.04 -1.79
C ILE A 18 -12.99 -4.52 -0.35
N ASP A 1 13.00 1.55 3.07
CA ASP A 1 13.32 2.12 1.78
C ASP A 1 12.07 2.71 1.11
N PRO A 2 12.28 3.60 0.14
CA PRO A 2 11.19 4.25 -0.58
C PRO A 2 10.43 3.29 -1.49
N ARG A 3 11.09 2.19 -1.86
CA ARG A 3 10.48 1.18 -2.73
C ARG A 3 9.75 0.13 -1.90
N ILE A 4 9.85 0.24 -0.58
CA ILE A 4 9.20 -0.70 0.32
C ILE A 4 7.90 -0.13 0.88
N ALA A 5 7.82 1.20 0.92
CA ALA A 5 6.63 1.88 1.43
C ALA A 5 5.57 2.00 0.35
N ALA A 6 6.02 2.11 -0.90
CA ALA A 6 5.11 2.24 -2.04
C ALA A 6 4.15 1.06 -2.10
N ARG A 7 4.56 -0.07 -1.52
CA ARG A 7 3.74 -1.27 -1.52
C ARG A 7 2.93 -1.37 -0.22
N GLY A 8 3.43 -0.73 0.83
CA GLY A 8 2.75 -0.77 2.11
C GLY A 8 1.46 0.00 2.10
N ARG A 9 1.40 1.05 1.27
CA ARG A 9 0.19 1.87 1.17
C ARG A 9 -0.85 1.20 0.30
N ALA A 10 -0.41 0.52 -0.75
CA ALA A 10 -1.31 -0.17 -1.66
C ALA A 10 -2.21 -1.15 -0.90
N ARG A 11 -1.65 -1.82 0.09
CA ARG A 11 -2.40 -2.78 0.89
C ARG A 11 -3.68 -2.14 1.43
N LEU A 12 -3.53 -1.24 2.38
CA LEU A 12 -4.68 -0.56 2.97
C LEU A 12 -5.56 0.07 1.90
N ARG A 13 -4.93 0.59 0.85
CA ARG A 13 -5.66 1.23 -0.25
C ARG A 13 -6.64 0.25 -0.88
N ALA A 14 -6.19 -0.98 -1.09
CA ALA A 14 -7.03 -2.02 -1.69
C ALA A 14 -8.02 -2.57 -0.67
N VAL A 15 -7.52 -2.91 0.51
CA VAL A 15 -8.36 -3.45 1.57
C VAL A 15 -9.48 -2.49 1.93
N GLY A 16 -9.22 -1.19 1.76
CA GLY A 16 -10.21 -0.18 2.08
C GLY A 16 -11.22 0.00 0.96
N ALA A 17 -10.81 -0.30 -0.26
CA ALA A 17 -11.68 -0.16 -1.42
C ALA A 17 -12.79 -1.20 -1.40
N ILE A 18 -12.40 -2.48 -1.33
CA ILE A 18 -13.37 -3.56 -1.31
C ILE A 18 -13.42 -4.21 0.07
N ASP A 1 13.23 0.88 3.10
CA ASP A 1 13.52 1.59 1.86
C ASP A 1 12.27 2.28 1.33
N PRO A 2 12.48 3.29 0.45
CA PRO A 2 11.39 4.05 -0.15
C PRO A 2 10.58 3.23 -1.14
N ARG A 3 11.20 2.18 -1.67
CA ARG A 3 10.53 1.30 -2.64
C ARG A 3 9.82 0.15 -1.93
N ILE A 4 9.98 0.09 -0.61
CA ILE A 4 9.35 -0.95 0.18
C ILE A 4 8.08 -0.45 0.86
N ALA A 5 8.03 0.85 1.09
CA ALA A 5 6.87 1.47 1.73
C ALA A 5 5.78 1.75 0.71
N ALA A 6 6.17 2.02 -0.53
CA ALA A 6 5.21 2.31 -1.59
C ALA A 6 4.23 1.16 -1.76
N ARG A 7 4.66 -0.04 -1.37
CA ARG A 7 3.80 -1.23 -1.48
C ARG A 7 3.06 -1.48 -0.18
N GLY A 8 3.61 -1.01 0.92
CA GLY A 8 2.99 -1.20 2.23
C GLY A 8 1.70 -0.42 2.37
N ARG A 9 1.63 0.73 1.69
CA ARG A 9 0.44 1.59 1.75
C ARG A 9 -0.65 1.04 0.84
N ALA A 10 -0.24 0.34 -0.21
CA ALA A 10 -1.20 -0.23 -1.16
C ALA A 10 -2.18 -1.16 -0.46
N ARG A 11 -1.74 -1.76 0.64
CA ARG A 11 -2.58 -2.68 1.40
C ARG A 11 -3.92 -2.04 1.73
N LEU A 12 -3.90 -1.07 2.64
CA LEU A 12 -5.11 -0.37 3.05
C LEU A 12 -5.80 0.27 1.86
N ARG A 13 -5.02 0.64 0.85
CA ARG A 13 -5.55 1.26 -0.36
C ARG A 13 -6.58 0.34 -1.02
N ALA A 14 -6.18 -0.89 -1.30
CA ALA A 14 -7.07 -1.85 -1.94
C ALA A 14 -8.21 -2.25 -1.01
N VAL A 15 -7.86 -2.66 0.21
CA VAL A 15 -8.86 -3.06 1.19
C VAL A 15 -9.88 -1.94 1.42
N GLY A 16 -9.45 -0.70 1.22
CA GLY A 16 -10.35 0.42 1.40
C GLY A 16 -11.54 0.39 0.46
N ALA A 17 -11.26 0.28 -0.84
CA ALA A 17 -12.31 0.24 -1.84
C ALA A 17 -13.04 -1.10 -1.81
N ILE A 18 -12.29 -2.18 -1.64
CA ILE A 18 -12.87 -3.51 -1.59
C ILE A 18 -13.44 -3.81 -0.22
N ASP A 1 12.76 1.12 3.58
CA ASP A 1 13.23 1.65 2.31
C ASP A 1 12.10 2.37 1.56
N PRO A 2 12.48 3.23 0.61
CA PRO A 2 11.51 4.00 -0.19
C PRO A 2 10.73 3.11 -1.15
N ARG A 3 11.37 2.04 -1.62
CA ARG A 3 10.72 1.12 -2.55
C ARG A 3 10.00 0.00 -1.80
N ILE A 4 10.13 0.01 -0.47
CA ILE A 4 9.49 -1.01 0.36
C ILE A 4 8.21 -0.47 0.98
N ALA A 5 8.14 0.85 1.15
CA ALA A 5 6.98 1.50 1.73
C ALA A 5 5.89 1.72 0.68
N ALA A 6 6.31 1.94 -0.57
CA ALA A 6 5.38 2.16 -1.66
C ALA A 6 4.41 0.99 -1.80
N ARG A 7 4.82 -0.18 -1.33
CA ARG A 7 3.98 -1.37 -1.41
C ARG A 7 3.21 -1.58 -0.11
N GLY A 8 3.74 -1.03 0.99
CA GLY A 8 3.09 -1.17 2.27
C GLY A 8 1.79 -0.38 2.35
N ARG A 9 1.73 0.73 1.62
CA ARG A 9 0.53 1.57 1.61
C ARG A 9 -0.53 0.99 0.70
N ALA A 10 -0.10 0.28 -0.35
CA ALA A 10 -1.01 -0.33 -1.30
C ALA A 10 -2.03 -1.22 -0.59
N ARG A 11 -1.60 -1.84 0.50
CA ARG A 11 -2.47 -2.73 1.27
C ARG A 11 -3.78 -2.03 1.61
N LEU A 12 -3.71 -1.06 2.52
CA LEU A 12 -4.89 -0.31 2.94
C LEU A 12 -5.63 0.26 1.73
N ARG A 13 -4.87 0.59 0.69
CA ARG A 13 -5.46 1.15 -0.52
C ARG A 13 -6.50 0.21 -1.11
N ALA A 14 -6.07 -1.00 -1.47
CA ALA A 14 -6.95 -1.99 -2.05
C ALA A 14 -8.12 -2.29 -1.11
N VAL A 15 -7.80 -2.62 0.14
CA VAL A 15 -8.83 -2.93 1.12
C VAL A 15 -9.83 -1.79 1.25
N GLY A 16 -9.36 -0.57 1.05
CA GLY A 16 -10.23 0.59 1.14
C GLY A 16 -11.22 0.66 0.00
N ALA A 17 -10.77 0.28 -1.19
CA ALA A 17 -11.64 0.30 -2.37
C ALA A 17 -12.70 -0.79 -2.29
N ILE A 18 -12.37 -1.88 -1.62
CA ILE A 18 -13.31 -2.99 -1.47
C ILE A 18 -14.08 -2.88 -0.16
N ASP A 1 13.57 1.20 3.16
CA ASP A 1 13.82 1.88 1.89
C ASP A 1 12.53 2.47 1.33
N PRO A 2 12.67 3.44 0.41
CA PRO A 2 11.53 4.10 -0.22
C PRO A 2 10.75 3.18 -1.15
N ARG A 3 11.40 2.10 -1.57
CA ARG A 3 10.77 1.13 -2.47
C ARG A 3 10.04 0.05 -1.68
N ILE A 4 10.16 0.10 -0.36
CA ILE A 4 9.51 -0.88 0.50
C ILE A 4 8.22 -0.32 1.09
N ALA A 5 8.15 1.01 1.20
CA ALA A 5 6.98 1.66 1.74
C ALA A 5 5.90 1.84 0.67
N ALA A 6 6.34 2.01 -0.57
CA ALA A 6 5.42 2.19 -1.68
C ALA A 6 4.45 1.01 -1.79
N ARG A 7 4.86 -0.14 -1.27
CA ARG A 7 4.03 -1.33 -1.31
C ARG A 7 3.24 -1.49 -0.01
N GLY A 8 3.75 -0.91 1.06
CA GLY A 8 3.09 -0.99 2.35
C GLY A 8 1.79 -0.21 2.38
N ARG A 9 1.73 0.88 1.61
CA ARG A 9 0.54 1.71 1.55
C ARG A 9 -0.49 1.13 0.59
N ALA A 10 0.00 0.39 -0.41
CA ALA A 10 -0.88 -0.22 -1.41
C ALA A 10 -1.87 -1.17 -0.75
N ARG A 11 -1.44 -1.83 0.32
CA ARG A 11 -2.31 -2.77 1.03
C ARG A 11 -3.63 -2.11 1.39
N LEU A 12 -3.60 -1.18 2.34
CA LEU A 12 -4.80 -0.49 2.79
C LEU A 12 -5.52 0.16 1.59
N ARG A 13 -4.75 0.55 0.59
CA ARG A 13 -5.30 1.19 -0.60
C ARG A 13 -6.33 0.28 -1.26
N ALA A 14 -5.96 -0.99 -1.45
CA ALA A 14 -6.84 -1.96 -2.08
C ALA A 14 -8.02 -2.30 -1.17
N VAL A 15 -7.73 -2.44 0.13
CA VAL A 15 -8.76 -2.76 1.10
C VAL A 15 -9.86 -1.70 1.12
N GLY A 16 -9.45 -0.45 0.93
CA GLY A 16 -10.41 0.65 0.93
C GLY A 16 -11.43 0.52 -0.17
N ALA A 17 -11.07 -0.17 -1.24
CA ALA A 17 -11.96 -0.36 -2.38
C ALA A 17 -13.15 -1.24 -1.99
N ILE A 18 -12.86 -2.44 -1.49
CA ILE A 18 -13.90 -3.37 -1.08
C ILE A 18 -14.37 -3.08 0.33
N ASP A 1 13.52 1.26 3.09
CA ASP A 1 13.73 2.03 1.87
C ASP A 1 12.41 2.63 1.37
N PRO A 2 12.51 3.66 0.52
CA PRO A 2 11.34 4.34 -0.04
C PRO A 2 10.60 3.46 -1.05
N ARG A 3 11.28 2.44 -1.56
CA ARG A 3 10.68 1.52 -2.53
C ARG A 3 10.01 0.35 -1.82
N ILE A 4 10.14 0.31 -0.50
CA ILE A 4 9.53 -0.76 0.29
C ILE A 4 8.23 -0.30 0.93
N ALA A 5 8.11 1.01 1.14
CA ALA A 5 6.90 1.57 1.75
C ALA A 5 5.82 1.80 0.70
N ALA A 6 6.24 2.07 -0.53
CA ALA A 6 5.30 2.30 -1.62
C ALA A 6 4.38 1.11 -1.81
N ARG A 7 4.84 -0.07 -1.38
CA ARG A 7 4.06 -1.29 -1.52
C ARG A 7 3.29 -1.58 -0.23
N GLY A 8 3.79 -1.06 0.89
CA GLY A 8 3.14 -1.27 2.16
C GLY A 8 1.81 -0.55 2.26
N ARG A 9 1.69 0.58 1.58
CA ARG A 9 0.47 1.37 1.60
C ARG A 9 -0.58 0.76 0.68
N ALA A 10 -0.12 0.11 -0.38
CA ALA A 10 -1.02 -0.53 -1.34
C ALA A 10 -2.00 -1.44 -0.64
N ARG A 11 -1.54 -2.14 0.39
CA ARG A 11 -2.38 -3.06 1.14
C ARG A 11 -3.66 -2.37 1.60
N LEU A 12 -3.53 -1.46 2.56
CA LEU A 12 -4.68 -0.74 3.08
C LEU A 12 -5.44 -0.04 1.95
N ARG A 13 -4.71 0.40 0.93
CA ARG A 13 -5.32 1.08 -0.20
C ARG A 13 -6.36 0.19 -0.87
N ALA A 14 -5.97 -1.03 -1.21
CA ALA A 14 -6.87 -1.97 -1.85
C ALA A 14 -8.09 -2.27 -0.97
N VAL A 15 -7.84 -2.38 0.34
CA VAL A 15 -8.91 -2.66 1.29
C VAL A 15 -9.91 -1.51 1.35
N GLY A 16 -9.38 -0.29 1.48
CA GLY A 16 -10.25 0.88 1.56
C GLY A 16 -10.93 1.17 0.24
N ALA A 17 -10.31 0.76 -0.85
CA ALA A 17 -10.87 0.98 -2.18
C ALA A 17 -12.27 0.38 -2.30
N ILE A 18 -12.36 -0.92 -2.05
CA ILE A 18 -13.65 -1.61 -2.12
C ILE A 18 -14.55 -1.23 -0.96
N ASP A 1 13.55 0.49 3.03
CA ASP A 1 13.81 1.36 1.89
C ASP A 1 12.53 2.06 1.45
N PRO A 2 12.71 3.17 0.71
CA PRO A 2 11.57 3.95 0.21
C PRO A 2 10.78 3.22 -0.87
N ARG A 3 11.42 2.23 -1.47
CA ARG A 3 10.78 1.45 -2.53
C ARG A 3 10.03 0.25 -1.95
N ILE A 4 10.16 0.07 -0.64
CA ILE A 4 9.51 -1.05 0.04
C ILE A 4 8.23 -0.59 0.74
N ALA A 5 8.17 0.69 1.08
CA ALA A 5 7.01 1.26 1.75
C ALA A 5 5.93 1.63 0.73
N ALA A 6 6.36 2.02 -0.46
CA ALA A 6 5.43 2.39 -1.52
C ALA A 6 4.45 1.27 -1.82
N ARG A 7 4.85 0.04 -1.52
CA ARG A 7 4.01 -1.12 -1.76
C ARG A 7 3.22 -1.49 -0.51
N GLY A 8 3.76 -1.11 0.65
CA GLY A 8 3.09 -1.42 1.90
C GLY A 8 1.81 -0.64 2.09
N ARG A 9 1.76 0.55 1.51
CA ARG A 9 0.57 1.40 1.61
C ARG A 9 -0.53 0.91 0.68
N ALA A 10 -0.13 0.28 -0.42
CA ALA A 10 -1.09 -0.23 -1.39
C ALA A 10 -2.05 -1.23 -0.75
N ARG A 11 -1.56 -1.93 0.27
CA ARG A 11 -2.38 -2.92 0.97
C ARG A 11 -3.71 -2.31 1.41
N LEU A 12 -3.64 -1.42 2.41
CA LEU A 12 -4.85 -0.78 2.92
C LEU A 12 -5.58 -0.04 1.81
N ARG A 13 -4.84 0.46 0.82
CA ARG A 13 -5.42 1.18 -0.29
C ARG A 13 -6.42 0.31 -1.03
N ALA A 14 -6.00 -0.89 -1.43
CA ALA A 14 -6.86 -1.81 -2.14
C ALA A 14 -8.10 -2.15 -1.32
N VAL A 15 -7.90 -2.34 -0.01
CA VAL A 15 -9.00 -2.67 0.88
C VAL A 15 -10.11 -1.63 0.81
N GLY A 16 -9.72 -0.38 0.53
CA GLY A 16 -10.70 0.70 0.43
C GLY A 16 -11.62 0.54 -0.76
N ALA A 17 -11.09 -0.03 -1.84
CA ALA A 17 -11.87 -0.24 -3.05
C ALA A 17 -12.93 -1.30 -2.85
N ILE A 18 -12.62 -2.29 -2.01
CA ILE A 18 -13.55 -3.38 -1.72
C ILE A 18 -14.07 -4.01 -3.01
N ASP A 1 12.24 0.99 3.83
CA ASP A 1 12.85 1.54 2.63
C ASP A 1 11.84 2.38 1.84
N PRO A 2 12.35 3.25 0.96
CA PRO A 2 11.52 4.12 0.14
C PRO A 2 10.74 3.35 -0.93
N ARG A 3 11.37 2.33 -1.49
CA ARG A 3 10.73 1.52 -2.51
C ARG A 3 9.99 0.34 -1.89
N ILE A 4 10.11 0.20 -0.57
CA ILE A 4 9.45 -0.88 0.13
C ILE A 4 8.16 -0.39 0.81
N ALA A 5 8.12 0.90 1.11
CA ALA A 5 6.94 1.49 1.74
C ALA A 5 5.87 1.83 0.71
N ALA A 6 6.30 2.17 -0.50
CA ALA A 6 5.38 2.51 -1.58
C ALA A 6 4.40 1.38 -1.85
N ARG A 7 4.80 0.16 -1.49
CA ARG A 7 3.96 -1.01 -1.70
C ARG A 7 3.16 -1.34 -0.43
N GLY A 8 3.69 -0.92 0.71
CA GLY A 8 3.03 -1.18 1.98
C GLY A 8 1.74 -0.39 2.12
N ARG A 9 1.69 0.78 1.51
CA ARG A 9 0.51 1.63 1.58
C ARG A 9 -0.60 1.10 0.67
N ALA A 10 -0.20 0.46 -0.42
CA ALA A 10 -1.16 -0.10 -1.37
C ALA A 10 -2.14 -1.05 -0.68
N ARG A 11 -1.65 -1.73 0.35
CA ARG A 11 -2.48 -2.67 1.10
C ARG A 11 -3.77 -2.01 1.56
N LEU A 12 -3.67 -1.10 2.52
CA LEU A 12 -4.83 -0.39 3.04
C LEU A 12 -5.63 0.24 1.91
N ARG A 13 -4.93 0.73 0.90
CA ARG A 13 -5.57 1.37 -0.24
C ARG A 13 -6.56 0.41 -0.92
N ALA A 14 -6.07 -0.78 -1.28
CA ALA A 14 -6.90 -1.78 -1.93
C ALA A 14 -8.06 -2.20 -1.02
N VAL A 15 -7.75 -2.44 0.25
CA VAL A 15 -8.74 -2.86 1.22
C VAL A 15 -9.81 -1.78 1.39
N GLY A 16 -9.43 -0.52 1.18
CA GLY A 16 -10.37 0.57 1.31
C GLY A 16 -11.21 0.78 0.07
N ALA A 17 -10.73 0.28 -1.06
CA ALA A 17 -11.44 0.41 -2.32
C ALA A 17 -12.47 -0.70 -2.49
N ILE A 18 -11.98 -1.94 -2.63
CA ILE A 18 -12.85 -3.09 -2.80
C ILE A 18 -13.87 -2.85 -3.92
N ASP A 1 13.38 1.07 3.54
CA ASP A 1 13.75 1.73 2.30
C ASP A 1 12.53 2.38 1.65
N PRO A 2 12.77 3.34 0.75
CA PRO A 2 11.71 4.06 0.04
C PRO A 2 10.97 3.18 -0.96
N ARG A 3 11.64 2.13 -1.41
CA ARG A 3 11.05 1.20 -2.38
C ARG A 3 10.31 0.07 -1.65
N ILE A 4 10.41 0.05 -0.33
CA ILE A 4 9.75 -0.97 0.47
C ILE A 4 8.44 -0.46 1.07
N ALA A 5 8.35 0.86 1.23
CA ALA A 5 7.16 1.48 1.78
C ALA A 5 6.10 1.69 0.70
N ALA A 6 6.56 1.93 -0.52
CA ALA A 6 5.65 2.14 -1.65
C ALA A 6 4.71 0.97 -1.83
N ARG A 7 5.13 -0.20 -1.36
CA ARG A 7 4.32 -1.41 -1.47
C ARG A 7 3.51 -1.63 -0.20
N GLY A 8 3.99 -1.09 0.91
CA GLY A 8 3.30 -1.25 2.18
C GLY A 8 1.99 -0.49 2.22
N ARG A 9 1.92 0.61 1.49
CA ARG A 9 0.73 1.44 1.45
C ARG A 9 -0.31 0.85 0.50
N ALA A 10 0.16 0.13 -0.52
CA ALA A 10 -0.72 -0.49 -1.48
C ALA A 10 -1.70 -1.44 -0.81
N ARG A 11 -1.25 -2.09 0.26
CA ARG A 11 -2.09 -3.03 0.99
C ARG A 11 -3.43 -2.39 1.37
N LEU A 12 -3.38 -1.45 2.31
CA LEU A 12 -4.59 -0.76 2.75
C LEU A 12 -5.32 -0.13 1.57
N ARG A 13 -4.56 0.35 0.59
CA ARG A 13 -5.15 0.97 -0.60
C ARG A 13 -6.08 0.01 -1.31
N ALA A 14 -5.57 -1.17 -1.64
CA ALA A 14 -6.37 -2.19 -2.33
C ALA A 14 -7.63 -2.51 -1.55
N VAL A 15 -7.49 -2.71 -0.25
CA VAL A 15 -8.62 -3.03 0.61
C VAL A 15 -9.67 -1.92 0.56
N GLY A 16 -9.20 -0.67 0.45
CA GLY A 16 -10.11 0.45 0.41
C GLY A 16 -11.08 0.37 -0.75
N ALA A 17 -10.73 -0.42 -1.76
CA ALA A 17 -11.58 -0.58 -2.94
C ALA A 17 -12.79 -1.46 -2.61
N ILE A 18 -12.63 -2.35 -1.64
CA ILE A 18 -13.71 -3.24 -1.23
C ILE A 18 -14.30 -3.96 -2.44
N ASP A 1 13.26 0.95 2.85
CA ASP A 1 13.58 1.50 1.54
C ASP A 1 12.36 2.15 0.91
N PRO A 2 12.60 3.03 -0.07
CA PRO A 2 11.53 3.73 -0.78
C PRO A 2 10.72 2.81 -1.68
N ARG A 3 11.32 1.69 -2.07
CA ARG A 3 10.65 0.72 -2.92
C ARG A 3 9.89 -0.31 -2.09
N ILE A 4 10.03 -0.22 -0.78
CA ILE A 4 9.36 -1.15 0.14
C ILE A 4 8.10 -0.52 0.73
N ALA A 5 8.08 0.81 0.79
CA ALA A 5 6.94 1.53 1.33
C ALA A 5 5.85 1.72 0.27
N ALA A 6 6.27 1.82 -0.99
CA ALA A 6 5.34 2.00 -2.10
C ALA A 6 4.33 0.86 -2.14
N ARG A 7 4.70 -0.28 -1.60
CA ARG A 7 3.83 -1.45 -1.57
C ARG A 7 3.05 -1.53 -0.26
N GLY A 8 3.62 -0.92 0.79
CA GLY A 8 2.96 -0.94 2.08
C GLY A 8 1.70 -0.11 2.10
N ARG A 9 1.67 0.95 1.29
CA ARG A 9 0.51 1.83 1.24
C ARG A 9 -0.61 1.20 0.40
N ALA A 10 -0.22 0.43 -0.61
CA ALA A 10 -1.18 -0.23 -1.48
C ALA A 10 -2.15 -1.09 -0.67
N ARG A 11 -1.62 -1.74 0.37
CA ARG A 11 -2.44 -2.60 1.22
C ARG A 11 -3.69 -1.87 1.71
N LEU A 12 -3.49 -0.90 2.60
CA LEU A 12 -4.60 -0.13 3.15
C LEU A 12 -5.41 0.51 2.02
N ARG A 13 -4.74 0.90 0.95
CA ARG A 13 -5.41 1.51 -0.19
C ARG A 13 -6.48 0.59 -0.76
N ALA A 14 -6.07 -0.61 -1.14
CA ALA A 14 -7.00 -1.59 -1.71
C ALA A 14 -8.16 -1.85 -0.76
N VAL A 15 -7.84 -2.10 0.51
CA VAL A 15 -8.86 -2.36 1.52
C VAL A 15 -9.88 -1.24 1.59
N GLY A 16 -9.40 -0.01 1.40
CA GLY A 16 -10.28 1.15 1.45
C GLY A 16 -11.38 1.07 0.41
N ALA A 17 -11.10 0.43 -0.72
CA ALA A 17 -12.08 0.29 -1.79
C ALA A 17 -12.76 -1.07 -1.73
N ILE A 18 -12.00 -2.12 -2.04
CA ILE A 18 -12.54 -3.47 -2.03
C ILE A 18 -12.47 -4.08 -0.62
N ASP A 1 13.37 1.11 3.15
CA ASP A 1 13.61 1.88 1.94
C ASP A 1 12.31 2.48 1.41
N PRO A 2 12.44 3.52 0.57
CA PRO A 2 11.29 4.21 -0.01
C PRO A 2 10.55 3.34 -1.04
N ARG A 3 11.23 2.31 -1.52
CA ARG A 3 10.64 1.41 -2.50
C ARG A 3 9.92 0.25 -1.82
N ILE A 4 10.01 0.21 -0.49
CA ILE A 4 9.36 -0.84 0.29
C ILE A 4 8.05 -0.35 0.89
N ALA A 5 7.96 0.95 1.11
CA ALA A 5 6.76 1.55 1.68
C ALA A 5 5.70 1.79 0.60
N ALA A 6 6.15 2.06 -0.62
CA ALA A 6 5.25 2.31 -1.73
C ALA A 6 4.30 1.13 -1.94
N ARG A 7 4.73 -0.05 -1.51
CA ARG A 7 3.92 -1.26 -1.65
C ARG A 7 3.11 -1.52 -0.38
N GLY A 8 3.60 -1.01 0.74
CA GLY A 8 2.91 -1.21 2.00
C GLY A 8 1.60 -0.45 2.07
N ARG A 9 1.54 0.68 1.38
CA ARG A 9 0.33 1.50 1.37
C ARG A 9 -0.73 0.88 0.47
N ALA A 10 -0.29 0.15 -0.54
CA ALA A 10 -1.22 -0.50 -1.47
C ALA A 10 -2.20 -1.41 -0.73
N ARG A 11 -1.73 -2.04 0.33
CA ARG A 11 -2.56 -2.94 1.13
C ARG A 11 -3.85 -2.25 1.54
N LEU A 12 -3.75 -1.28 2.45
CA LEU A 12 -4.92 -0.55 2.92
C LEU A 12 -5.65 0.11 1.77
N ARG A 13 -4.90 0.47 0.72
CA ARG A 13 -5.48 1.12 -0.44
C ARG A 13 -6.56 0.24 -1.07
N ALA A 14 -6.20 -0.99 -1.40
CA ALA A 14 -7.14 -1.92 -2.00
C ALA A 14 -8.38 -2.10 -1.13
N VAL A 15 -8.16 -2.29 0.17
CA VAL A 15 -9.27 -2.47 1.10
C VAL A 15 -10.14 -1.22 1.18
N GLY A 16 -9.54 -0.07 0.88
CA GLY A 16 -10.27 1.18 0.91
C GLY A 16 -11.31 1.27 -0.20
N ALA A 17 -11.12 0.48 -1.25
CA ALA A 17 -12.04 0.48 -2.38
C ALA A 17 -13.16 -0.55 -2.17
N ILE A 18 -12.84 -1.63 -1.47
CA ILE A 18 -13.82 -2.68 -1.21
C ILE A 18 -14.71 -2.32 -0.03
N ASP A 1 12.83 1.42 3.40
CA ASP A 1 13.28 1.85 2.09
C ASP A 1 12.13 2.51 1.31
N PRO A 2 12.49 3.29 0.28
CA PRO A 2 11.52 3.99 -0.55
C PRO A 2 10.72 3.03 -1.44
N ARG A 3 11.35 1.91 -1.81
CA ARG A 3 10.70 0.91 -2.65
C ARG A 3 9.96 -0.11 -1.80
N ILE A 4 10.09 0.01 -0.48
CA ILE A 4 9.44 -0.92 0.44
C ILE A 4 8.17 -0.31 1.02
N ALA A 5 8.12 1.02 1.06
CA ALA A 5 6.96 1.72 1.59
C ALA A 5 5.88 1.85 0.53
N ALA A 6 6.29 1.96 -0.73
CA ALA A 6 5.36 2.10 -1.84
C ALA A 6 4.37 0.94 -1.87
N ARG A 7 4.78 -0.19 -1.30
CA ARG A 7 3.92 -1.37 -1.26
C ARG A 7 3.15 -1.45 0.05
N GLY A 8 3.68 -0.82 1.08
CA GLY A 8 3.03 -0.83 2.37
C GLY A 8 1.75 -0.03 2.38
N ARG A 9 1.69 1.02 1.57
CA ARG A 9 0.52 1.87 1.48
C ARG A 9 -0.54 1.25 0.56
N ALA A 10 -0.08 0.65 -0.53
CA ALA A 10 -0.99 0.03 -1.48
C ALA A 10 -1.91 -0.97 -0.79
N ARG A 11 -1.40 -1.62 0.25
CA ARG A 11 -2.17 -2.59 1.00
C ARG A 11 -3.51 -2.01 1.43
N LEU A 12 -3.47 -1.09 2.39
CA LEU A 12 -4.68 -0.45 2.90
C LEU A 12 -5.46 0.20 1.76
N ARG A 13 -4.76 0.65 0.73
CA ARG A 13 -5.39 1.29 -0.42
C ARG A 13 -6.39 0.34 -1.08
N ALA A 14 -5.92 -0.84 -1.46
CA ALA A 14 -6.78 -1.83 -2.09
C ALA A 14 -7.97 -2.17 -1.21
N VAL A 15 -7.74 -2.28 0.10
CA VAL A 15 -8.80 -2.60 1.04
C VAL A 15 -9.87 -1.52 1.05
N GLY A 16 -9.45 -0.26 0.99
CA GLY A 16 -10.38 0.84 0.98
C GLY A 16 -11.26 0.86 -0.24
N ALA A 17 -10.77 0.28 -1.34
CA ALA A 17 -11.51 0.23 -2.58
C ALA A 17 -12.75 -0.65 -2.45
N ILE A 18 -12.57 -1.81 -1.82
CA ILE A 18 -13.67 -2.75 -1.62
C ILE A 18 -14.31 -2.57 -0.26
N ASP A 1 13.49 1.02 3.33
CA ASP A 1 13.78 1.68 2.06
C ASP A 1 12.52 2.29 1.46
N PRO A 2 12.71 3.24 0.54
CA PRO A 2 11.59 3.92 -0.13
C PRO A 2 10.84 3.01 -1.08
N ARG A 3 11.48 1.91 -1.47
CA ARG A 3 10.87 0.95 -2.40
C ARG A 3 10.11 -0.12 -1.62
N ILE A 4 10.19 -0.07 -0.29
CA ILE A 4 9.50 -1.03 0.55
C ILE A 4 8.20 -0.45 1.11
N ALA A 5 8.14 0.88 1.20
CA ALA A 5 6.96 1.55 1.71
C ALA A 5 5.92 1.74 0.61
N ALA A 6 6.39 1.89 -0.62
CA ALA A 6 5.51 2.08 -1.76
C ALA A 6 4.53 0.91 -1.89
N ARG A 7 4.90 -0.23 -1.35
CA ARG A 7 4.07 -1.43 -1.41
C ARG A 7 3.24 -1.56 -0.14
N GLY A 8 3.72 -0.98 0.95
CA GLY A 8 3.03 -1.05 2.22
C GLY A 8 1.74 -0.26 2.20
N ARG A 9 1.71 0.83 1.42
CA ARG A 9 0.53 1.67 1.33
C ARG A 9 -0.52 1.05 0.42
N ALA A 10 -0.05 0.31 -0.59
CA ALA A 10 -0.95 -0.35 -1.53
C ALA A 10 -1.96 -1.23 -0.81
N ARG A 11 -1.50 -1.91 0.25
CA ARG A 11 -2.35 -2.79 1.02
C ARG A 11 -3.63 -2.08 1.44
N LEU A 12 -3.50 -1.14 2.38
CA LEU A 12 -4.65 -0.38 2.86
C LEU A 12 -5.40 0.27 1.72
N ARG A 13 -4.67 0.69 0.69
CA ARG A 13 -5.26 1.34 -0.46
C ARG A 13 -6.30 0.42 -1.12
N ALA A 14 -5.88 -0.80 -1.46
CA ALA A 14 -6.77 -1.76 -2.08
C ALA A 14 -8.01 -2.01 -1.22
N VAL A 15 -7.80 -2.16 0.08
CA VAL A 15 -8.90 -2.39 1.01
C VAL A 15 -9.88 -1.22 1.01
N GLY A 16 -9.38 -0.04 0.66
CA GLY A 16 -10.22 1.15 0.64
C GLY A 16 -11.35 1.03 -0.37
N ALA A 17 -11.02 0.58 -1.57
CA ALA A 17 -12.02 0.43 -2.63
C ALA A 17 -13.08 -0.58 -2.24
N ILE A 18 -12.70 -1.85 -2.19
CA ILE A 18 -13.62 -2.92 -1.82
C ILE A 18 -14.20 -2.68 -0.43
N ASP A 1 12.63 1.73 3.39
CA ASP A 1 13.05 2.20 2.07
C ASP A 1 11.87 2.83 1.33
N PRO A 2 12.19 3.64 0.30
CA PRO A 2 11.18 4.32 -0.51
C PRO A 2 10.39 3.35 -1.39
N ARG A 3 11.03 2.26 -1.78
CA ARG A 3 10.39 1.26 -2.62
C ARG A 3 9.69 0.19 -1.77
N ILE A 4 9.85 0.30 -0.46
CA ILE A 4 9.24 -0.65 0.46
C ILE A 4 7.95 -0.07 1.07
N ALA A 5 7.88 1.25 1.13
CA ALA A 5 6.71 1.92 1.68
C ALA A 5 5.60 2.04 0.63
N ALA A 6 6.00 2.17 -0.63
CA ALA A 6 5.05 2.29 -1.73
C ALA A 6 4.08 1.11 -1.76
N ARG A 7 4.52 -0.02 -1.20
CA ARG A 7 3.70 -1.22 -1.17
C ARG A 7 2.95 -1.33 0.15
N GLY A 8 3.49 -0.69 1.20
CA GLY A 8 2.86 -0.73 2.50
C GLY A 8 1.55 0.04 2.53
N ARG A 9 1.46 1.08 1.72
CA ARG A 9 0.26 1.90 1.66
C ARG A 9 -0.78 1.28 0.73
N ALA A 10 -0.31 0.60 -0.30
CA ALA A 10 -1.19 -0.05 -1.26
C ALA A 10 -2.09 -1.08 -0.58
N ARG A 11 -1.56 -1.74 0.44
CA ARG A 11 -2.32 -2.74 1.18
C ARG A 11 -3.66 -2.18 1.64
N LEU A 12 -3.62 -1.28 2.61
CA LEU A 12 -4.84 -0.67 3.13
C LEU A 12 -5.68 -0.07 2.01
N ARG A 13 -5.00 0.47 1.00
CA ARG A 13 -5.69 1.08 -0.14
C ARG A 13 -6.61 0.07 -0.82
N ALA A 14 -6.02 -1.02 -1.30
CA ALA A 14 -6.79 -2.06 -1.97
C ALA A 14 -7.86 -2.63 -1.06
N VAL A 15 -7.53 -2.82 0.21
CA VAL A 15 -8.47 -3.35 1.18
C VAL A 15 -9.65 -2.40 1.39
N GLY A 16 -9.39 -1.11 1.20
CA GLY A 16 -10.44 -0.12 1.37
C GLY A 16 -11.19 0.16 0.08
N ALA A 17 -10.54 -0.10 -1.05
CA ALA A 17 -11.15 0.12 -2.36
C ALA A 17 -12.42 -0.71 -2.50
N ILE A 18 -12.28 -2.02 -2.47
CA ILE A 18 -13.42 -2.92 -2.61
C ILE A 18 -14.46 -2.66 -1.52
N ASP A 1 13.45 1.16 3.13
CA ASP A 1 13.74 1.82 1.86
C ASP A 1 12.48 2.42 1.27
N PRO A 2 12.66 3.37 0.34
CA PRO A 2 11.53 4.04 -0.33
C PRO A 2 10.78 3.11 -1.29
N ARG A 3 11.46 2.06 -1.72
CA ARG A 3 10.86 1.09 -2.64
C ARG A 3 10.18 -0.03 -1.87
N ILE A 4 10.29 0.00 -0.55
CA ILE A 4 9.69 -1.02 0.30
C ILE A 4 8.38 -0.51 0.91
N ALA A 5 8.27 0.81 1.04
CA ALA A 5 7.08 1.41 1.60
C ALA A 5 5.99 1.58 0.54
N ALA A 6 6.41 1.78 -0.70
CA ALA A 6 5.48 1.95 -1.80
C ALA A 6 4.54 0.75 -1.93
N ARG A 7 5.00 -0.39 -1.43
CA ARG A 7 4.20 -1.62 -1.49
C ARG A 7 3.43 -1.82 -0.19
N GLY A 8 3.93 -1.24 0.89
CA GLY A 8 3.28 -1.37 2.18
C GLY A 8 1.96 -0.63 2.23
N ARG A 9 1.86 0.46 1.48
CA ARG A 9 0.65 1.26 1.45
C ARG A 9 -0.42 0.61 0.57
N ALA A 10 0.04 -0.16 -0.41
CA ALA A 10 -0.87 -0.85 -1.33
C ALA A 10 -1.90 -1.67 -0.56
N ARG A 11 -1.50 -2.19 0.59
CA ARG A 11 -2.39 -3.00 1.41
C ARG A 11 -3.71 -2.27 1.66
N LEU A 12 -3.65 -1.22 2.48
CA LEU A 12 -4.84 -0.44 2.80
C LEU A 12 -5.50 0.10 1.54
N ARG A 13 -4.69 0.31 0.51
CA ARG A 13 -5.19 0.82 -0.77
C ARG A 13 -6.28 -0.10 -1.33
N ALA A 14 -5.93 -1.36 -1.52
CA ALA A 14 -6.86 -2.34 -2.06
C ALA A 14 -8.12 -2.42 -1.21
N VAL A 15 -7.95 -2.29 0.12
CA VAL A 15 -9.08 -2.35 1.04
C VAL A 15 -9.98 -1.13 0.87
N GLY A 16 -9.38 0.05 0.74
CA GLY A 16 -10.15 1.27 0.57
C GLY A 16 -10.95 1.27 -0.71
N ALA A 17 -10.50 0.49 -1.70
CA ALA A 17 -11.18 0.42 -2.97
C ALA A 17 -12.51 -0.31 -2.86
N ILE A 18 -12.46 -1.59 -2.53
CA ILE A 18 -13.66 -2.39 -2.37
C ILE A 18 -14.59 -1.81 -1.30
N ASP A 1 12.64 1.82 3.59
CA ASP A 1 13.17 2.30 2.31
C ASP A 1 12.07 2.95 1.48
N PRO A 2 12.47 3.77 0.49
CA PRO A 2 11.53 4.46 -0.39
C PRO A 2 10.81 3.51 -1.34
N ARG A 3 11.50 2.46 -1.74
CA ARG A 3 10.93 1.47 -2.65
C ARG A 3 10.23 0.36 -1.88
N ILE A 4 10.33 0.42 -0.55
CA ILE A 4 9.70 -0.59 0.30
C ILE A 4 8.38 -0.08 0.87
N ALA A 5 8.27 1.24 0.98
CA ALA A 5 7.05 1.85 1.51
C ALA A 5 5.99 1.99 0.43
N ALA A 6 6.43 2.17 -0.81
CA ALA A 6 5.52 2.31 -1.94
C ALA A 6 4.60 1.11 -2.06
N ARG A 7 5.05 -0.03 -1.53
CA ARG A 7 4.26 -1.26 -1.58
C ARG A 7 3.47 -1.44 -0.29
N GLY A 8 3.95 -0.85 0.79
CA GLY A 8 3.27 -0.95 2.06
C GLY A 8 1.94 -0.22 2.08
N ARG A 9 1.85 0.85 1.31
CA ARG A 9 0.63 1.65 1.23
C ARG A 9 -0.38 1.00 0.30
N ALA A 10 0.11 0.29 -0.71
CA ALA A 10 -0.76 -0.37 -1.67
C ALA A 10 -1.79 -1.25 -0.96
N ARG A 11 -1.35 -1.94 0.10
CA ARG A 11 -2.22 -2.81 0.86
C ARG A 11 -3.50 -2.08 1.27
N LEU A 12 -3.36 -1.15 2.21
CA LEU A 12 -4.50 -0.38 2.69
C LEU A 12 -5.23 0.29 1.53
N ARG A 13 -4.50 0.64 0.49
CA ARG A 13 -5.08 1.28 -0.68
C ARG A 13 -6.17 0.40 -1.30
N ALA A 14 -5.82 -0.85 -1.58
CA ALA A 14 -6.76 -1.79 -2.18
C ALA A 14 -7.95 -2.03 -1.24
N VAL A 15 -7.67 -2.19 0.04
CA VAL A 15 -8.71 -2.42 1.03
C VAL A 15 -9.70 -1.28 1.07
N GLY A 16 -9.21 -0.07 0.80
CA GLY A 16 -10.08 1.10 0.80
C GLY A 16 -10.99 1.16 -0.41
N ALA A 17 -10.56 0.51 -1.50
CA ALA A 17 -11.34 0.49 -2.72
C ALA A 17 -12.59 -0.37 -2.57
N ILE A 18 -12.40 -1.63 -2.22
CA ILE A 18 -13.50 -2.56 -2.04
C ILE A 18 -14.47 -2.06 -0.97
N ASP A 1 12.17 1.69 3.71
CA ASP A 1 12.79 2.01 2.43
C ASP A 1 11.79 2.67 1.48
N PRO A 2 12.32 3.36 0.46
CA PRO A 2 11.48 4.05 -0.54
C PRO A 2 10.74 3.08 -1.44
N ARG A 3 11.40 1.99 -1.81
CA ARG A 3 10.80 0.99 -2.67
C ARG A 3 10.08 -0.08 -1.86
N ILE A 4 10.18 0.03 -0.53
CA ILE A 4 9.54 -0.93 0.36
C ILE A 4 8.24 -0.36 0.92
N ALA A 5 8.14 0.96 0.98
CA ALA A 5 6.95 1.63 1.48
C ALA A 5 5.89 1.75 0.39
N ALA A 6 6.33 1.84 -0.86
CA ALA A 6 5.42 1.96 -1.98
C ALA A 6 4.46 0.78 -2.04
N ARG A 7 4.89 -0.35 -1.47
CA ARG A 7 4.07 -1.56 -1.46
C ARG A 7 3.28 -1.66 -0.16
N GLY A 8 3.78 -1.02 0.89
CA GLY A 8 3.11 -1.07 2.17
C GLY A 8 1.80 -0.29 2.17
N ARG A 9 1.75 0.78 1.38
CA ARG A 9 0.56 1.61 1.30
C ARG A 9 -0.47 0.97 0.36
N ALA A 10 0.01 0.22 -0.63
CA ALA A 10 -0.87 -0.43 -1.59
C ALA A 10 -1.91 -1.27 -0.88
N ARG A 11 -1.52 -1.91 0.22
CA ARG A 11 -2.44 -2.75 0.99
C ARG A 11 -3.72 -1.99 1.32
N LEU A 12 -3.61 -1.03 2.22
CA LEU A 12 -4.75 -0.23 2.64
C LEU A 12 -5.47 0.37 1.43
N ARG A 13 -4.71 0.62 0.37
CA ARG A 13 -5.27 1.19 -0.86
C ARG A 13 -6.37 0.29 -1.42
N ALA A 14 -6.03 -0.97 -1.64
CA ALA A 14 -6.99 -1.93 -2.17
C ALA A 14 -8.04 -2.30 -1.13
N VAL A 15 -7.61 -2.41 0.12
CA VAL A 15 -8.52 -2.75 1.21
C VAL A 15 -9.65 -1.72 1.32
N GLY A 16 -9.35 -0.48 0.96
CA GLY A 16 -10.36 0.57 1.03
C GLY A 16 -11.29 0.56 -0.16
N ALA A 17 -10.83 -0.03 -1.27
CA ALA A 17 -11.62 -0.09 -2.48
C ALA A 17 -12.80 -1.06 -2.31
N ILE A 18 -12.49 -2.30 -1.97
CA ILE A 18 -13.52 -3.31 -1.78
C ILE A 18 -14.50 -2.90 -0.70
#